data_6CJR
#
_entry.id   6CJR
#
_cell.length_a   73.633
_cell.length_b   73.633
_cell.length_c   109.186
_cell.angle_alpha   90.000
_cell.angle_beta   90.000
_cell.angle_gamma   90.000
#
_symmetry.space_group_name_H-M   'P 43'
#
loop_
_entity.id
_entity.type
_entity.pdbx_description
1 polymer 'Heat shock protein 90 homolog'
2 non-polymer 4-[6,6-dimethyl-4-oxidanylidene-3-(trifluoromethyl)-5,7-dihydroindazol-1-yl]-2-[(4-oxidanylcyclohexyl)amino]benzamide
3 non-polymer 1,2-ETHANEDIOL
4 water water
#
_entity_poly.entity_id   1
_entity_poly.type   'polypeptide(L)'
_entity_poly.pdbx_seq_one_letter_code
;MHHHHHHSSGRENLYFQGETHEFTAEISQLMSLIINTVYSNKEIFLRELISNASDALDKIRYQALSDPSQLESEPELFIR
IIPQKDQKVLEIRDSGIGMTKADLVNNLGTIAKSGTKSFMEALSAGADVSMIGQFGVGFYSLFLVADHVQVISKHNDDEQ
YVWESNAGGKFTVTLDETNERLGRGTMLRLFLKEDQLEYLEEKRIKEVVKKHSEFVAYPIQLVVTKEVEK
;
_entity_poly.pdbx_strand_id   A,B
#
# COMPACT_ATOMS: atom_id res chain seq x y z
N GLY A 18 -2.51 16.81 15.94
CA GLY A 18 -1.77 17.36 14.83
C GLY A 18 -0.63 18.27 15.26
N GLU A 19 0.21 17.76 16.18
CA GLU A 19 1.19 18.55 16.92
C GLU A 19 2.40 18.94 16.08
N THR A 20 2.89 20.17 16.26
CA THR A 20 4.17 20.54 15.69
C THR A 20 5.22 20.54 16.81
N HIS A 21 6.44 20.17 16.45
CA HIS A 21 7.56 20.16 17.35
C HIS A 21 8.77 20.70 16.60
N GLU A 22 9.79 21.06 17.36
CA GLU A 22 11.03 21.61 16.81
C GLU A 22 12.17 20.63 17.02
N PHE A 23 13.04 20.48 16.01
CA PHE A 23 14.26 19.70 16.19
C PHE A 23 15.22 20.42 17.14
N THR A 24 15.93 19.62 17.96
CA THR A 24 17.08 20.11 18.71
C THR A 24 18.05 20.77 17.75
N ALA A 25 18.95 21.61 18.29
CA ALA A 25 19.90 22.33 17.44
C ALA A 25 20.92 21.37 16.81
N GLU A 26 21.29 20.30 17.52
CA GLU A 26 22.22 19.31 16.95
C GLU A 26 21.61 18.64 15.73
N ILE A 27 20.34 18.21 15.84
CA ILE A 27 19.71 17.49 14.73
C ILE A 27 19.48 18.43 13.56
N SER A 28 18.96 19.63 13.82
CA SER A 28 18.84 20.63 12.75
C SER A 28 20.19 20.90 12.08
N GLN A 29 21.26 21.05 12.87
CA GLN A 29 22.60 21.14 12.29
C GLN A 29 22.88 19.93 11.42
N LEU A 30 22.63 18.73 11.99
CA LEU A 30 22.87 17.47 11.28
C LEU A 30 22.12 17.40 9.97
N MET A 31 20.82 17.66 10.01
CA MET A 31 20.02 17.55 8.80
C MET A 31 20.51 18.52 7.74
N SER A 32 20.95 19.70 8.16
CA SER A 32 21.42 20.69 7.20
C SER A 32 22.70 20.24 6.52
N LEU A 33 23.58 19.57 7.25
CA LEU A 33 24.78 19.03 6.64
C LEU A 33 24.43 18.00 5.58
N ILE A 34 23.63 17.00 5.95
CA ILE A 34 23.39 15.88 5.07
C ILE A 34 22.61 16.31 3.84
N ILE A 35 21.61 17.17 4.00
CA ILE A 35 20.79 17.49 2.85
C ILE A 35 21.58 18.32 1.84
N ASN A 36 22.57 19.09 2.31
CA ASN A 36 23.38 19.93 1.45
C ASN A 36 24.70 19.30 1.04
N THR A 37 25.06 18.15 1.61
CA THR A 37 26.29 17.46 1.24
C THR A 37 26.30 17.03 -0.23
N VAL A 38 27.43 17.27 -0.88
N VAL A 38 27.44 17.24 -0.88
CA VAL A 38 27.67 16.80 -2.24
CA VAL A 38 27.67 16.79 -2.25
C VAL A 38 28.30 15.39 -2.21
C VAL A 38 28.33 15.42 -2.20
N TYR A 39 28.21 14.72 -1.07
CA TYR A 39 28.68 13.34 -0.93
C TYR A 39 28.19 12.47 -2.08
N SER A 40 29.12 11.76 -2.70
CA SER A 40 28.81 11.06 -3.93
C SER A 40 28.13 9.71 -3.72
N ASN A 41 28.56 8.94 -2.73
CA ASN A 41 28.09 7.57 -2.52
C ASN A 41 26.73 7.50 -1.82
N LYS A 42 25.73 8.20 -2.35
CA LYS A 42 24.49 8.37 -1.60
C LYS A 42 23.73 7.07 -1.35
N GLU A 43 24.02 6.00 -2.09
CA GLU A 43 23.33 4.72 -1.94
C GLU A 43 23.44 4.12 -0.56
N ILE A 44 24.37 4.60 0.26
CA ILE A 44 24.46 4.10 1.64
C ILE A 44 23.22 4.51 2.43
N PHE A 45 22.46 5.51 1.97
CA PHE A 45 21.19 5.81 2.65
C PHE A 45 20.39 4.53 2.82
N LEU A 46 20.46 3.64 1.83
CA LEU A 46 19.59 2.48 1.85
C LEU A 46 20.12 1.40 2.78
N ARG A 47 21.42 1.24 2.85
CA ARG A 47 21.97 0.30 3.83
C ARG A 47 21.55 0.73 5.24
N GLU A 48 21.58 2.04 5.50
CA GLU A 48 21.32 2.57 6.85
C GLU A 48 19.87 2.35 7.28
N LEU A 49 18.90 2.60 6.37
CA LEU A 49 17.49 2.39 6.69
C LEU A 49 17.17 0.91 6.90
N ILE A 50 17.82 0.00 6.15
CA ILE A 50 17.62 -1.41 6.37
C ILE A 50 18.20 -1.83 7.71
N SER A 51 19.30 -1.18 8.15
CA SER A 51 19.89 -1.46 9.46
C SER A 51 18.97 -1.01 10.61
N ASN A 52 18.33 0.16 10.45
CA ASN A 52 17.27 0.58 11.38
C ASN A 52 16.15 -0.44 11.42
N ALA A 53 15.69 -0.84 10.23
CA ALA A 53 14.69 -1.90 10.11
C ALA A 53 15.13 -3.20 10.78
N SER A 54 16.35 -3.67 10.49
CA SER A 54 16.80 -4.95 11.05
C SER A 54 16.85 -4.90 12.57
N ASP A 55 17.34 -3.77 13.12
CA ASP A 55 17.37 -3.62 14.58
C ASP A 55 15.95 -3.64 15.16
N ALA A 56 15.01 -2.92 14.51
CA ALA A 56 13.60 -2.95 14.94
C ALA A 56 13.03 -4.36 14.90
N LEU A 57 13.43 -5.13 13.90
CA LEU A 57 12.99 -6.52 13.85
C LEU A 57 13.71 -7.37 14.89
N ASP A 58 15.01 -7.11 15.09
CA ASP A 58 15.70 -7.77 16.20
C ASP A 58 14.91 -7.60 17.49
N LYS A 59 14.43 -6.38 17.73
CA LYS A 59 13.81 -6.02 19.00
C LYS A 59 12.45 -6.71 19.21
N ILE A 60 11.56 -6.67 18.21
CA ILE A 60 10.30 -7.40 18.38
C ILE A 60 10.59 -8.91 18.50
N ARG A 61 11.59 -9.40 17.80
CA ARG A 61 11.93 -10.81 17.90
C ARG A 61 12.38 -11.15 19.31
N TYR A 62 13.17 -10.24 19.92
CA TYR A 62 13.58 -10.43 21.31
C TYR A 62 12.38 -10.44 22.25
N GLN A 63 11.54 -9.41 22.17
CA GLN A 63 10.39 -9.35 23.05
C GLN A 63 9.49 -10.55 22.83
N ALA A 64 9.27 -10.94 21.56
CA ALA A 64 8.32 -12.01 21.30
C ALA A 64 8.81 -13.33 21.87
N LEU A 65 10.07 -13.41 22.24
CA LEU A 65 10.57 -14.62 22.84
C LEU A 65 9.99 -14.79 24.24
N SER A 66 9.90 -13.69 24.99
CA SER A 66 9.34 -13.77 26.33
C SER A 66 7.83 -13.57 26.35
N ASP A 67 7.28 -12.99 25.29
CA ASP A 67 5.85 -12.74 25.16
C ASP A 67 5.44 -12.94 23.70
N PRO A 68 5.20 -14.19 23.29
CA PRO A 68 4.89 -14.44 21.86
C PRO A 68 3.63 -13.74 21.38
N SER A 69 2.75 -13.33 22.28
CA SER A 69 1.59 -12.57 21.85
C SER A 69 2.01 -11.28 21.19
N GLN A 70 3.22 -10.79 21.48
CA GLN A 70 3.66 -9.54 20.85
C GLN A 70 3.66 -9.64 19.34
N LEU A 71 3.76 -10.85 18.78
CA LEU A 71 3.77 -11.00 17.34
C LEU A 71 2.40 -11.06 16.70
N GLU A 72 1.35 -11.14 17.51
CA GLU A 72 0.04 -11.34 16.91
C GLU A 72 -0.36 -10.18 16.04
N SER A 73 0.13 -8.98 16.34
CA SER A 73 -0.19 -7.82 15.52
C SER A 73 0.32 -7.94 14.10
N GLU A 74 1.22 -8.88 13.81
CA GLU A 74 1.82 -9.04 12.49
C GLU A 74 2.83 -10.16 12.59
N PRO A 75 2.40 -11.39 12.33
CA PRO A 75 3.28 -12.55 12.56
C PRO A 75 4.48 -12.63 11.62
N GLU A 76 4.49 -11.90 10.51
CA GLU A 76 5.58 -11.99 9.56
C GLU A 76 6.66 -10.95 9.88
N LEU A 77 7.92 -11.35 9.74
CA LEU A 77 9.07 -10.50 10.03
C LEU A 77 9.83 -10.27 8.74
N PHE A 78 9.76 -9.05 8.22
CA PHE A 78 10.19 -8.78 6.86
C PHE A 78 10.55 -7.31 6.71
N ILE A 79 11.36 -7.05 5.69
CA ILE A 79 11.65 -5.71 5.18
C ILE A 79 11.15 -5.67 3.74
N ARG A 80 10.54 -4.57 3.34
CA ARG A 80 9.88 -4.46 2.05
C ARG A 80 10.10 -3.10 1.46
N ILE A 81 10.53 -3.06 0.19
CA ILE A 81 10.84 -1.81 -0.52
C ILE A 81 9.83 -1.65 -1.63
N ILE A 82 9.26 -0.46 -1.71
CA ILE A 82 8.13 -0.20 -2.59
C ILE A 82 8.39 1.10 -3.35
N PRO A 83 8.98 1.07 -4.55
CA PRO A 83 9.07 2.29 -5.37
C PRO A 83 7.70 2.70 -5.89
N GLN A 84 7.38 4.01 -5.74
CA GLN A 84 6.15 4.66 -6.21
C GLN A 84 6.55 5.65 -7.27
N LYS A 85 6.70 5.14 -8.48
CA LYS A 85 7.27 5.94 -9.55
C LYS A 85 6.42 7.18 -9.80
N ASP A 86 5.10 7.02 -9.87
CA ASP A 86 4.24 8.15 -10.21
C ASP A 86 4.44 9.31 -9.22
N GLN A 87 4.65 9.01 -7.96
CA GLN A 87 4.82 10.04 -6.96
C GLN A 87 6.27 10.41 -6.69
N LYS A 88 7.24 9.70 -7.27
CA LYS A 88 8.64 9.94 -6.97
C LYS A 88 8.94 9.78 -5.49
N VAL A 89 8.43 8.70 -4.93
CA VAL A 89 8.58 8.41 -3.51
C VAL A 89 9.10 7.00 -3.41
N LEU A 90 10.04 6.78 -2.51
CA LEU A 90 10.49 5.44 -2.21
C LEU A 90 10.06 5.08 -0.80
N GLU A 91 9.35 3.98 -0.67
CA GLU A 91 8.83 3.53 0.61
C GLU A 91 9.63 2.33 1.12
N ILE A 92 9.90 2.35 2.41
CA ILE A 92 10.63 1.27 3.07
C ILE A 92 9.84 0.85 4.30
N ARG A 93 9.36 -0.38 4.31
CA ARG A 93 8.48 -0.90 5.35
CA ARG A 93 8.48 -0.89 5.36
C ARG A 93 9.13 -2.08 6.05
N ASP A 94 8.84 -2.22 7.34
CA ASP A 94 9.29 -3.37 8.12
C ASP A 94 8.19 -3.70 9.10
N SER A 95 8.18 -4.95 9.57
CA SER A 95 7.33 -5.38 10.66
C SER A 95 8.11 -5.47 12.00
N GLY A 96 8.98 -4.52 12.30
CA GLY A 96 9.72 -4.55 13.56
C GLY A 96 8.86 -4.10 14.72
N ILE A 97 9.54 -3.69 15.79
CA ILE A 97 8.83 -3.28 17.01
C ILE A 97 7.87 -2.09 16.78
N GLY A 98 8.17 -1.19 15.84
CA GLY A 98 7.37 0.00 15.67
C GLY A 98 7.69 1.07 16.70
N MET A 99 7.12 2.25 16.51
CA MET A 99 7.38 3.39 17.39
C MET A 99 6.07 4.01 17.86
N THR A 100 5.98 4.21 19.17
CA THR A 100 4.86 4.86 19.80
C THR A 100 4.86 6.36 19.53
N LYS A 101 3.80 7.01 19.96
CA LYS A 101 3.74 8.46 19.85
C LYS A 101 4.84 9.13 20.66
N ALA A 102 5.10 8.62 21.87
CA ALA A 102 6.21 9.13 22.68
C ALA A 102 7.53 8.99 21.93
N ASP A 103 7.81 7.82 21.35
CA ASP A 103 9.03 7.65 20.56
C ASP A 103 9.16 8.69 19.45
N LEU A 104 8.08 8.96 18.72
CA LEU A 104 8.15 9.86 17.57
C LEU A 104 8.27 11.32 17.98
N VAL A 105 7.54 11.72 19.03
CA VAL A 105 7.52 13.13 19.46
C VAL A 105 8.87 13.54 20.02
N ASN A 106 9.50 12.63 20.77
CA ASN A 106 10.80 12.78 21.39
C ASN A 106 11.97 12.42 20.48
N ASN A 107 11.73 12.05 19.22
CA ASN A 107 12.77 11.51 18.36
C ASN A 107 13.59 10.48 19.13
N LEU A 108 12.91 9.62 19.89
CA LEU A 108 13.46 8.50 20.66
C LEU A 108 14.23 8.91 21.91
N GLY A 109 14.18 10.17 22.30
CA GLY A 109 14.82 10.57 23.53
C GLY A 109 16.27 10.99 23.33
N THR A 110 16.91 11.25 24.46
CA THR A 110 18.22 11.90 24.43
C THR A 110 19.36 10.90 24.22
N ILE A 111 19.21 9.69 24.74
CA ILE A 111 20.30 8.72 24.69
C ILE A 111 20.53 8.24 23.27
N ALA A 112 19.45 8.17 22.46
CA ALA A 112 19.50 7.65 21.09
C ALA A 112 20.29 8.57 20.16
N LYS A 113 20.17 9.88 20.33
CA LYS A 113 20.87 10.87 19.52
C LYS A 113 22.13 11.43 20.20
N SER A 114 22.61 10.78 21.27
CA SER A 114 23.76 11.29 22.01
C SER A 114 24.96 11.54 21.09
N GLY A 115 25.22 10.63 20.14
CA GLY A 115 26.32 10.75 19.21
C GLY A 115 26.20 11.73 18.05
N THR A 116 25.12 12.51 17.93
CA THR A 116 24.99 13.48 16.84
C THR A 116 26.18 14.45 16.78
N LYS A 117 26.56 15.05 17.92
CA LYS A 117 27.66 16.03 17.90
C LYS A 117 28.98 15.33 17.60
N SER A 118 29.20 14.18 18.25
CA SER A 118 30.33 13.32 17.96
C SER A 118 30.47 13.09 16.47
N PHE A 119 29.38 12.67 15.84
CA PHE A 119 29.42 12.42 14.41
C PHE A 119 29.81 13.67 13.63
N MET A 120 29.20 14.79 13.94
CA MET A 120 29.53 16.00 13.20
C MET A 120 30.99 16.39 13.41
N GLU A 121 31.53 16.13 14.60
CA GLU A 121 32.95 16.38 14.83
C GLU A 121 33.82 15.43 14.03
N ALA A 122 33.36 14.18 13.86
CA ALA A 122 34.06 13.21 13.02
C ALA A 122 34.13 13.70 11.57
N LEU A 123 33.03 14.22 11.05
CA LEU A 123 33.02 14.70 9.68
C LEU A 123 33.99 15.85 9.47
N SER A 124 34.12 16.75 10.46
CA SER A 124 35.10 17.83 10.37
C SER A 124 36.55 17.30 10.30
N ALA A 125 36.81 16.14 10.88
CA ALA A 125 38.14 15.53 10.92
C ALA A 125 38.47 14.69 9.69
N GLY A 126 37.50 14.46 8.80
CA GLY A 126 37.70 13.72 7.55
C GLY A 126 36.82 12.49 7.37
N ALA A 127 35.92 12.17 8.29
CA ALA A 127 35.19 10.91 8.24
C ALA A 127 34.28 10.82 7.02
N ASP A 128 34.11 9.57 6.56
CA ASP A 128 33.17 9.25 5.50
C ASP A 128 31.76 9.33 6.05
N VAL A 129 30.86 10.01 5.32
CA VAL A 129 29.45 10.10 5.77
C VAL A 129 28.90 8.70 6.04
N SER A 130 29.49 7.69 5.42
CA SER A 130 29.05 6.32 5.56
C SER A 130 29.22 5.74 6.95
N MET A 131 29.98 6.36 7.84
CA MET A 131 30.04 5.80 9.20
C MET A 131 28.97 6.39 10.15
N ILE A 132 27.97 7.10 9.61
CA ILE A 132 26.89 7.71 10.39
C ILE A 132 26.25 6.72 11.33
N GLY A 133 26.14 5.45 10.95
CA GLY A 133 25.41 4.51 11.78
C GLY A 133 26.11 4.11 13.07
N GLN A 134 27.43 4.29 13.17
CA GLN A 134 28.17 4.04 14.41
C GLN A 134 27.89 5.08 15.51
N PHE A 135 27.35 6.24 15.15
CA PHE A 135 26.89 7.26 16.08
C PHE A 135 25.38 7.18 16.34
N GLY A 136 24.72 6.12 15.86
CA GLY A 136 23.33 5.85 16.16
C GLY A 136 22.29 6.70 15.43
N VAL A 137 22.70 7.51 14.45
CA VAL A 137 21.84 8.46 13.75
C VAL A 137 21.76 8.22 12.24
N GLY A 138 21.90 6.97 11.80
CA GLY A 138 21.85 6.68 10.37
C GLY A 138 20.52 7.02 9.68
N PHE A 139 19.44 7.11 10.45
CA PHE A 139 18.15 7.48 9.88
C PHE A 139 18.24 8.72 9.03
N TYR A 140 19.05 9.70 9.46
CA TYR A 140 19.09 11.01 8.83
C TYR A 140 19.89 11.00 7.53
N SER A 141 20.56 9.88 7.22
CA SER A 141 21.16 9.71 5.90
C SER A 141 20.12 9.71 4.78
N LEU A 142 18.82 9.51 5.08
CA LEU A 142 17.80 9.55 4.03
C LEU A 142 17.74 10.91 3.35
N PHE A 143 18.20 11.98 4.03
CA PHE A 143 18.16 13.31 3.44
C PHE A 143 19.27 13.54 2.44
N LEU A 144 20.17 12.57 2.29
CA LEU A 144 21.05 12.55 1.14
C LEU A 144 20.27 12.52 -0.16
N VAL A 145 19.22 11.70 -0.21
CA VAL A 145 18.47 11.47 -1.44
C VAL A 145 17.06 12.07 -1.42
N ALA A 146 16.53 12.40 -0.24
CA ALA A 146 15.16 12.88 -0.13
C ALA A 146 15.13 14.28 0.47
N ASP A 147 14.22 15.11 -0.01
CA ASP A 147 14.03 16.45 0.55
C ASP A 147 12.85 16.52 1.53
N HIS A 148 12.15 15.40 1.75
CA HIS A 148 10.96 15.37 2.59
C HIS A 148 10.71 13.91 2.95
N VAL A 149 10.21 13.66 4.15
CA VAL A 149 10.01 12.29 4.60
C VAL A 149 8.78 12.20 5.50
N GLN A 150 8.02 11.11 5.35
CA GLN A 150 7.00 10.71 6.30
C GLN A 150 7.37 9.37 6.92
N VAL A 151 7.17 9.27 8.22
CA VAL A 151 7.45 8.06 8.98
C VAL A 151 6.14 7.62 9.60
N ILE A 152 5.66 6.46 9.18
CA ILE A 152 4.43 5.88 9.68
C ILE A 152 4.81 4.72 10.57
N SER A 153 4.25 4.65 11.77
CA SER A 153 4.69 3.62 12.69
C SER A 153 3.54 3.19 13.59
N LYS A 154 3.60 1.91 13.97
CA LYS A 154 2.62 1.27 14.84
C LYS A 154 3.36 0.39 15.83
N HIS A 155 3.27 0.74 17.11
CA HIS A 155 3.80 -0.06 18.19
C HIS A 155 2.65 -0.77 18.87
N ASN A 156 2.93 -1.97 19.37
CA ASN A 156 1.89 -2.74 20.02
C ASN A 156 1.29 -2.00 21.21
N ASP A 157 1.97 -0.99 21.73
CA ASP A 157 1.54 -0.28 22.93
C ASP A 157 0.79 1.00 22.60
N ASP A 158 0.47 1.23 21.33
CA ASP A 158 -0.09 2.52 20.91
C ASP A 158 -0.88 2.36 19.60
N GLU A 159 -1.47 3.46 19.19
CA GLU A 159 -2.13 3.59 17.90
C GLU A 159 -1.11 3.97 16.83
N GLN A 160 -1.56 3.96 15.58
CA GLN A 160 -0.71 4.32 14.45
C GLN A 160 -0.55 5.84 14.30
N TYR A 161 0.71 6.28 14.11
CA TYR A 161 1.05 7.69 13.93
C TYR A 161 1.95 7.93 12.72
N VAL A 162 1.93 9.18 12.29
CA VAL A 162 2.69 9.66 11.15
CA VAL A 162 2.71 9.65 11.15
C VAL A 162 3.54 10.83 11.62
N TRP A 163 4.87 10.69 11.48
CA TRP A 163 5.87 11.73 11.69
C TRP A 163 6.28 12.30 10.33
N GLU A 164 6.45 13.61 10.24
CA GLU A 164 6.75 14.22 8.94
C GLU A 164 7.72 15.39 9.06
N SER A 165 8.60 15.51 8.07
CA SER A 165 9.64 16.53 8.08
C SER A 165 9.96 16.96 6.67
N ASN A 166 10.05 18.27 6.49
CA ASN A 166 10.47 18.92 5.25
C ASN A 166 11.94 19.27 5.28
N ALA A 167 12.71 18.65 6.17
CA ALA A 167 14.05 19.10 6.46
C ALA A 167 14.03 20.58 6.86
N GLY A 168 13.19 20.90 7.84
CA GLY A 168 13.21 22.20 8.45
C GLY A 168 13.32 22.05 9.95
N GLY A 169 13.33 23.19 10.63
CA GLY A 169 13.42 23.24 12.08
C GLY A 169 12.29 22.54 12.80
N LYS A 170 11.12 22.37 12.15
CA LYS A 170 9.97 21.72 12.75
C LYS A 170 9.59 20.44 12.01
N PHE A 171 8.93 19.56 12.77
CA PHE A 171 8.33 18.33 12.27
C PHE A 171 6.97 18.18 12.95
N THR A 172 6.14 17.30 12.38
CA THR A 172 4.81 17.04 12.91
C THR A 172 4.65 15.57 13.23
N VAL A 173 3.77 15.31 14.20
CA VAL A 173 3.31 13.98 14.54
C VAL A 173 1.79 14.02 14.67
N THR A 174 1.10 13.14 13.94
CA THR A 174 -0.36 13.19 13.81
C THR A 174 -0.89 11.77 13.91
N LEU A 175 -2.04 11.61 14.56
CA LEU A 175 -2.66 10.28 14.56
C LEU A 175 -2.92 9.85 13.13
N ASP A 176 -2.68 8.57 12.82
CA ASP A 176 -2.72 8.12 11.44
C ASP A 176 -4.15 7.70 11.11
N GLU A 177 -4.82 8.53 10.27
CA GLU A 177 -6.16 8.28 9.76
C GLU A 177 -6.23 8.41 8.24
N THR A 178 -5.09 8.20 7.55
CA THR A 178 -5.02 8.27 6.09
C THR A 178 -4.20 7.19 5.43
N ASN A 179 -3.50 6.33 6.16
CA ASN A 179 -2.57 5.39 5.56
C ASN A 179 -3.00 3.96 5.85
N GLU A 180 -2.50 3.04 5.03
CA GLU A 180 -2.72 1.62 5.23
C GLU A 180 -2.29 1.22 6.62
N ARG A 181 -3.08 0.38 7.27
CA ARG A 181 -2.68 -0.13 8.57
C ARG A 181 -1.42 -0.98 8.41
N LEU A 182 -0.44 -0.76 9.30
CA LEU A 182 0.78 -1.52 9.24
C LEU A 182 0.68 -2.78 10.06
N GLY A 183 -0.21 -2.77 11.06
CA GLY A 183 -0.30 -3.84 12.04
C GLY A 183 0.72 -3.72 13.15
N ARG A 184 1.99 -3.78 12.76
CA ARG A 184 3.13 -3.50 13.61
C ARG A 184 4.29 -3.14 12.70
N GLY A 185 5.09 -2.17 13.13
CA GLY A 185 6.29 -1.82 12.42
C GLY A 185 6.27 -0.39 11.94
N THR A 186 7.03 -0.12 10.89
CA THR A 186 7.30 1.24 10.44
C THR A 186 7.38 1.25 8.92
N MET A 187 6.90 2.33 8.30
CA MET A 187 7.17 2.57 6.90
C MET A 187 7.67 3.99 6.71
N LEU A 188 8.80 4.11 6.00
CA LEU A 188 9.35 5.37 5.52
C LEU A 188 8.92 5.63 4.10
N ARG A 189 8.50 6.84 3.82
CA ARG A 189 8.22 7.31 2.47
C ARG A 189 9.14 8.47 2.20
N LEU A 190 10.08 8.28 1.29
CA LEU A 190 11.06 9.28 0.94
C LEU A 190 10.61 9.99 -0.32
N PHE A 191 10.53 11.31 -0.25
CA PHE A 191 10.21 12.14 -1.40
C PHE A 191 11.54 12.50 -2.02
N LEU A 192 11.89 11.73 -3.05
CA LEU A 192 13.23 11.77 -3.62
C LEU A 192 13.51 13.13 -4.24
N LYS A 193 14.71 13.64 -3.98
CA LYS A 193 15.28 14.74 -4.75
C LYS A 193 15.30 14.37 -6.24
N GLU A 194 15.12 15.37 -7.08
CA GLU A 194 14.95 15.10 -8.52
C GLU A 194 16.20 14.46 -9.14
N ASP A 195 17.38 14.64 -8.54
CA ASP A 195 18.62 14.03 -9.01
C ASP A 195 18.82 12.60 -8.51
N GLN A 196 17.87 12.01 -7.81
CA GLN A 196 18.07 10.72 -7.18
C GLN A 196 17.00 9.70 -7.58
N LEU A 197 16.37 9.88 -8.74
CA LEU A 197 15.28 8.97 -9.10
C LEU A 197 15.75 7.59 -9.55
N GLU A 198 17.06 7.39 -9.74
CA GLU A 198 17.57 6.04 -9.98
C GLU A 198 17.09 5.07 -8.92
N TYR A 199 16.81 5.55 -7.71
CA TYR A 199 16.49 4.66 -6.61
C TYR A 199 15.02 4.29 -6.58
N LEU A 200 14.28 4.64 -7.63
CA LEU A 200 12.99 4.02 -7.91
C LEU A 200 13.12 2.82 -8.83
N GLU A 201 14.32 2.58 -9.35
CA GLU A 201 14.52 1.57 -10.37
C GLU A 201 14.84 0.24 -9.73
N GLU A 202 14.16 -0.80 -10.22
CA GLU A 202 14.34 -2.16 -9.71
C GLU A 202 15.79 -2.61 -9.78
N LYS A 203 16.45 -2.38 -10.90
CA LYS A 203 17.82 -2.85 -11.08
C LYS A 203 18.74 -2.13 -10.11
N ARG A 204 18.66 -0.81 -10.09
CA ARG A 204 19.44 -0.04 -9.12
C ARG A 204 19.21 -0.54 -7.71
N ILE A 205 17.94 -0.61 -7.30
CA ILE A 205 17.60 -1.06 -5.95
C ILE A 205 18.20 -2.44 -5.67
N LYS A 206 18.12 -3.36 -6.65
CA LYS A 206 18.71 -4.69 -6.53
C LYS A 206 20.24 -4.63 -6.37
N GLU A 207 20.90 -3.83 -7.22
CA GLU A 207 22.34 -3.64 -7.08
C GLU A 207 22.68 -3.27 -5.65
N VAL A 208 21.98 -2.26 -5.10
CA VAL A 208 22.38 -1.68 -3.82
C VAL A 208 22.14 -2.66 -2.68
N VAL A 209 20.98 -3.37 -2.68
CA VAL A 209 20.69 -4.33 -1.61
C VAL A 209 21.67 -5.48 -1.61
N LYS A 210 21.98 -6.02 -2.80
CA LYS A 210 22.93 -7.13 -2.90
C LYS A 210 24.31 -6.70 -2.42
N LYS A 211 24.72 -5.49 -2.80
CA LYS A 211 25.99 -4.92 -2.37
C LYS A 211 26.09 -4.85 -0.84
N HIS A 212 25.18 -4.12 -0.19
CA HIS A 212 25.37 -3.72 1.20
C HIS A 212 24.64 -4.57 2.26
N SER A 213 23.81 -5.56 1.92
CA SER A 213 22.91 -6.15 2.93
C SER A 213 23.05 -7.67 3.06
N GLU A 214 24.26 -8.21 2.80
CA GLU A 214 24.49 -9.66 2.87
C GLU A 214 24.17 -10.25 4.23
N PHE A 215 24.44 -9.52 5.31
CA PHE A 215 24.34 -10.05 6.67
C PHE A 215 23.11 -9.55 7.41
N VAL A 216 22.07 -9.18 6.67
CA VAL A 216 20.77 -8.87 7.24
C VAL A 216 20.02 -10.20 7.32
N ALA A 217 19.62 -10.57 8.53
CA ALA A 217 19.02 -11.87 8.77
C ALA A 217 17.61 -12.02 8.22
N TYR A 218 16.98 -10.99 7.66
CA TYR A 218 15.53 -10.98 7.39
C TYR A 218 15.26 -10.91 5.89
N PRO A 219 14.17 -11.49 5.39
CA PRO A 219 13.88 -11.35 3.96
C PRO A 219 13.67 -9.90 3.60
N ILE A 220 14.31 -9.49 2.51
CA ILE A 220 14.16 -8.15 1.97
C ILE A 220 13.39 -8.27 0.65
N GLN A 221 12.13 -7.82 0.65
CA GLN A 221 11.24 -7.94 -0.50
C GLN A 221 11.18 -6.64 -1.29
N LEU A 222 11.09 -6.76 -2.62
CA LEU A 222 10.96 -5.60 -3.48
C LEU A 222 9.68 -5.77 -4.27
N VAL A 223 8.92 -4.68 -4.35
CA VAL A 223 7.60 -4.63 -4.95
C VAL A 223 7.71 -3.80 -6.20
N VAL A 224 7.54 -4.43 -7.36
CA VAL A 224 7.73 -3.73 -8.62
C VAL A 224 6.44 -3.85 -9.44
N THR A 225 6.03 -2.74 -9.99
CA THR A 225 4.78 -2.61 -10.70
C THR A 225 5.12 -2.64 -12.18
N LYS A 226 4.50 -3.56 -12.92
CA LYS A 226 4.76 -3.72 -14.35
C LYS A 226 3.45 -3.86 -15.10
N GLU A 227 3.35 -3.22 -16.27
CA GLU A 227 2.15 -3.32 -17.11
C GLU A 227 2.09 -4.68 -17.83
N VAL A 228 0.90 -5.28 -17.86
CA VAL A 228 0.67 -6.55 -18.56
C VAL A 228 0.54 -6.30 -20.06
N GLU A 229 1.43 -6.92 -20.84
CA GLU A 229 1.38 -6.80 -22.29
C GLU A 229 0.21 -7.64 -22.79
N LYS A 230 -0.86 -6.97 -23.22
CA LYS A 230 -2.13 -7.67 -23.53
C LYS A 230 -2.58 -7.49 -25.00
N GLU B 19 -22.25 2.41 9.74
CA GLU B 19 -23.66 2.02 9.75
C GLU B 19 -23.95 0.76 8.92
N THR B 20 -24.78 -0.12 9.47
CA THR B 20 -25.10 -1.39 8.84
C THR B 20 -26.38 -1.29 8.02
N HIS B 21 -26.42 -2.13 6.98
CA HIS B 21 -27.57 -2.23 6.10
C HIS B 21 -27.82 -3.70 5.81
N GLU B 22 -29.04 -3.99 5.37
CA GLU B 22 -29.45 -5.34 5.03
C GLU B 22 -29.48 -5.40 3.51
N PHE B 23 -28.97 -6.50 2.97
CA PHE B 23 -29.12 -6.72 1.54
C PHE B 23 -30.58 -6.99 1.26
N THR B 24 -31.06 -6.45 0.15
CA THR B 24 -32.35 -6.90 -0.36
C THR B 24 -32.29 -8.42 -0.58
N ALA B 25 -33.45 -9.07 -0.54
CA ALA B 25 -33.46 -10.53 -0.62
C ALA B 25 -33.04 -11.04 -2.00
N GLU B 26 -33.30 -10.27 -3.07
CA GLU B 26 -32.85 -10.67 -4.40
C GLU B 26 -31.33 -10.77 -4.45
N ILE B 27 -30.64 -9.76 -3.88
CA ILE B 27 -29.18 -9.73 -3.92
C ILE B 27 -28.56 -10.79 -3.00
N SER B 28 -29.05 -10.93 -1.76
CA SER B 28 -28.58 -12.02 -0.90
C SER B 28 -28.78 -13.39 -1.59
N GLN B 29 -29.93 -13.56 -2.25
CA GLN B 29 -30.17 -14.76 -3.05
C GLN B 29 -29.07 -14.93 -4.09
N LEU B 30 -28.78 -13.87 -4.83
CA LEU B 30 -27.74 -13.92 -5.87
C LEU B 30 -26.39 -14.35 -5.27
N MET B 31 -25.98 -13.68 -4.19
CA MET B 31 -24.68 -13.97 -3.58
C MET B 31 -24.60 -15.39 -3.07
N SER B 32 -25.70 -15.90 -2.53
CA SER B 32 -25.72 -17.27 -2.05
C SER B 32 -25.56 -18.25 -3.20
N LEU B 33 -26.18 -17.95 -4.33
CA LEU B 33 -26.00 -18.80 -5.49
C LEU B 33 -24.56 -18.80 -5.91
N ILE B 34 -24.00 -17.62 -6.12
CA ILE B 34 -22.68 -17.51 -6.70
C ILE B 34 -21.62 -18.10 -5.78
N ILE B 35 -21.72 -17.79 -4.49
CA ILE B 35 -20.69 -18.18 -3.53
C ILE B 35 -20.67 -19.69 -3.34
N ASN B 36 -21.80 -20.35 -3.60
CA ASN B 36 -21.91 -21.79 -3.53
C ASN B 36 -21.79 -22.47 -4.89
N THR B 37 -21.82 -21.70 -5.98
CA THR B 37 -21.68 -22.28 -7.32
C THR B 37 -20.31 -22.91 -7.46
N VAL B 38 -20.30 -24.11 -7.91
CA VAL B 38 -19.09 -24.74 -8.40
C VAL B 38 -19.05 -24.47 -9.90
N TYR B 39 -17.86 -24.20 -10.41
CA TYR B 39 -17.73 -23.77 -11.79
C TYR B 39 -16.29 -23.96 -12.23
N SER B 40 -16.12 -24.58 -13.39
CA SER B 40 -14.80 -24.97 -13.87
C SER B 40 -14.04 -23.78 -14.46
N ASN B 41 -14.58 -22.57 -14.39
CA ASN B 41 -13.93 -21.43 -15.02
C ASN B 41 -14.19 -20.13 -14.25
N LYS B 42 -13.94 -20.13 -12.94
CA LYS B 42 -14.30 -18.97 -12.13
C LYS B 42 -13.46 -17.75 -12.48
N GLU B 43 -12.41 -17.93 -13.29
CA GLU B 43 -11.49 -16.86 -13.68
C GLU B 43 -12.19 -15.71 -14.39
N ILE B 44 -13.44 -15.88 -14.80
CA ILE B 44 -14.13 -14.78 -15.46
C ILE B 44 -14.42 -13.63 -14.51
N PHE B 45 -14.43 -13.92 -13.20
CA PHE B 45 -14.60 -12.87 -12.21
C PHE B 45 -13.62 -11.73 -12.49
N LEU B 46 -12.43 -12.06 -12.97
CA LEU B 46 -11.44 -11.03 -13.22
C LEU B 46 -11.75 -10.23 -14.47
N ARG B 47 -12.32 -10.87 -15.49
CA ARG B 47 -12.77 -10.12 -16.66
C ARG B 47 -13.80 -9.10 -16.27
N GLU B 48 -14.69 -9.51 -15.38
CA GLU B 48 -15.80 -8.66 -15.01
C GLU B 48 -15.34 -7.44 -14.23
N LEU B 49 -14.50 -7.65 -13.22
CA LEU B 49 -14.05 -6.53 -12.41
C LEU B 49 -13.21 -5.57 -13.22
N ILE B 50 -12.46 -6.06 -14.21
CA ILE B 50 -11.70 -5.17 -15.06
C ILE B 50 -12.62 -4.36 -15.95
N SER B 51 -13.73 -4.94 -16.39
CA SER B 51 -14.67 -4.17 -17.19
C SER B 51 -15.34 -3.08 -16.35
N ASN B 52 -15.71 -3.38 -15.10
CA ASN B 52 -16.24 -2.33 -14.23
C ASN B 52 -15.24 -1.21 -14.03
N ALA B 53 -13.98 -1.58 -13.75
CA ALA B 53 -12.91 -0.60 -13.66
C ALA B 53 -12.80 0.25 -14.93
N SER B 54 -12.79 -0.40 -16.10
CA SER B 54 -12.66 0.35 -17.35
C SER B 54 -13.81 1.36 -17.49
N ASP B 55 -15.01 0.94 -17.11
CA ASP B 55 -16.15 1.82 -17.17
C ASP B 55 -15.96 3.02 -16.24
N ALA B 56 -15.52 2.78 -15.00
CA ALA B 56 -15.33 3.89 -14.04
C ALA B 56 -14.35 4.90 -14.55
N LEU B 57 -13.37 4.44 -15.32
CA LEU B 57 -12.36 5.31 -15.89
C LEU B 57 -12.87 6.09 -17.07
N ASP B 58 -13.61 5.43 -17.95
CA ASP B 58 -14.32 6.13 -19.01
C ASP B 58 -15.10 7.33 -18.45
N LYS B 59 -15.81 7.12 -17.33
CA LYS B 59 -16.71 8.15 -16.80
C LYS B 59 -15.94 9.35 -16.27
N ILE B 60 -14.92 9.12 -15.42
CA ILE B 60 -14.10 10.25 -14.97
C ILE B 60 -13.41 10.90 -16.15
N ARG B 61 -13.05 10.11 -17.15
CA ARG B 61 -12.45 10.68 -18.34
C ARG B 61 -13.43 11.58 -19.08
N TYR B 62 -14.67 11.15 -19.20
CA TYR B 62 -15.68 11.97 -19.87
C TYR B 62 -15.95 13.25 -19.08
N GLN B 63 -16.17 13.10 -17.76
CA GLN B 63 -16.46 14.26 -16.92
C GLN B 63 -15.34 15.29 -16.98
N ALA B 64 -14.08 14.85 -17.01
CA ALA B 64 -12.94 15.77 -17.00
C ALA B 64 -12.80 16.56 -18.29
N LEU B 65 -13.56 16.23 -19.33
CA LEU B 65 -13.46 17.00 -20.57
C LEU B 65 -13.98 18.42 -20.38
N SER B 66 -15.11 18.56 -19.68
CA SER B 66 -15.68 19.86 -19.36
C SER B 66 -15.18 20.38 -18.01
N ASP B 67 -14.53 19.52 -17.20
CA ASP B 67 -14.01 19.89 -15.87
C ASP B 67 -12.70 19.15 -15.61
N PRO B 68 -11.58 19.65 -16.18
CA PRO B 68 -10.27 18.95 -16.02
C PRO B 68 -9.75 18.86 -14.59
N SER B 69 -10.35 19.66 -13.66
CA SER B 69 -10.10 19.58 -12.22
C SER B 69 -10.57 18.25 -11.60
N GLN B 70 -11.49 17.54 -12.24
CA GLN B 70 -11.88 16.24 -11.73
C GLN B 70 -10.71 15.26 -11.71
N LEU B 71 -9.70 15.47 -12.56
CA LEU B 71 -8.51 14.62 -12.66
C LEU B 71 -7.40 14.98 -11.68
N GLU B 72 -7.49 16.13 -11.01
CA GLU B 72 -6.42 16.56 -10.12
C GLU B 72 -6.27 15.62 -8.91
N SER B 73 -7.35 14.95 -8.52
CA SER B 73 -7.34 13.97 -7.43
C SER B 73 -6.51 12.72 -7.74
N GLU B 74 -6.11 12.53 -8.98
CA GLU B 74 -5.32 11.39 -9.43
C GLU B 74 -5.23 11.51 -10.94
N PRO B 75 -4.25 12.22 -11.47
CA PRO B 75 -4.21 12.49 -12.92
C PRO B 75 -3.95 11.26 -13.79
N GLU B 76 -3.49 10.16 -13.19
CA GLU B 76 -3.18 8.93 -13.91
C GLU B 76 -4.40 8.01 -14.00
N LEU B 77 -4.57 7.37 -15.16
CA LEU B 77 -5.71 6.50 -15.43
C LEU B 77 -5.21 5.08 -15.65
N PHE B 78 -5.50 4.22 -14.69
CA PHE B 78 -4.86 2.91 -14.62
C PHE B 78 -5.77 1.91 -13.92
N ILE B 79 -5.47 0.64 -14.21
CA ILE B 79 -6.00 -0.52 -13.49
C ILE B 79 -4.80 -1.23 -12.90
N ARG B 80 -4.90 -1.68 -11.65
CA ARG B 80 -3.73 -2.18 -10.94
C ARG B 80 -4.14 -3.37 -10.10
N ILE B 81 -3.39 -4.46 -10.23
CA ILE B 81 -3.70 -5.72 -9.56
C ILE B 81 -2.58 -6.02 -8.58
N ILE B 82 -2.94 -6.29 -7.33
CA ILE B 82 -1.99 -6.41 -6.22
C ILE B 82 -2.28 -7.64 -5.38
N PRO B 83 -1.69 -8.80 -5.67
CA PRO B 83 -1.83 -9.95 -4.76
C PRO B 83 -1.14 -9.70 -3.42
N GLN B 84 -1.84 -10.02 -2.33
CA GLN B 84 -1.30 -9.93 -0.97
C GLN B 84 -1.22 -11.34 -0.43
N LYS B 85 -0.12 -12.02 -0.78
CA LYS B 85 0.00 -13.45 -0.49
C LYS B 85 -0.10 -13.75 1.01
N ASP B 86 0.58 -12.95 1.85
CA ASP B 86 0.52 -13.21 3.29
C ASP B 86 -0.91 -13.14 3.82
N GLN B 87 -1.75 -12.30 3.23
CA GLN B 87 -3.13 -12.15 3.65
C GLN B 87 -4.13 -13.01 2.88
N LYS B 88 -3.68 -13.68 1.80
CA LYS B 88 -4.59 -14.44 0.92
C LYS B 88 -5.69 -13.51 0.41
N VAL B 89 -5.25 -12.36 -0.08
CA VAL B 89 -6.11 -11.26 -0.52
C VAL B 89 -5.62 -10.83 -1.88
N LEU B 90 -6.56 -10.61 -2.79
CA LEU B 90 -6.28 -10.04 -4.10
C LEU B 90 -6.99 -8.70 -4.20
N GLU B 91 -6.24 -7.64 -4.50
CA GLU B 91 -6.78 -6.30 -4.63
C GLU B 91 -6.78 -5.87 -6.09
N ILE B 92 -7.86 -5.20 -6.51
CA ILE B 92 -7.99 -4.61 -7.85
C ILE B 92 -8.38 -3.14 -7.66
N ARG B 93 -7.48 -2.24 -8.03
CA ARG B 93 -7.70 -0.81 -7.87
CA ARG B 93 -7.71 -0.81 -7.88
C ARG B 93 -7.81 -0.16 -9.24
N ASP B 94 -8.62 0.90 -9.32
CA ASP B 94 -8.69 1.71 -10.51
C ASP B 94 -8.70 3.14 -10.05
N SER B 95 -8.35 4.04 -10.96
CA SER B 95 -8.50 5.47 -10.69
C SER B 95 -9.73 6.05 -11.40
N GLY B 96 -10.87 5.34 -11.37
CA GLY B 96 -12.07 5.81 -12.03
C GLY B 96 -12.77 6.91 -11.26
N ILE B 97 -14.02 7.15 -11.65
CA ILE B 97 -14.80 8.22 -11.04
C ILE B 97 -14.99 7.97 -9.55
N GLY B 98 -14.99 6.73 -9.12
CA GLY B 98 -15.23 6.43 -7.72
C GLY B 98 -16.71 6.47 -7.38
N MET B 99 -17.00 6.12 -6.14
CA MET B 99 -18.37 6.04 -5.66
C MET B 99 -18.56 6.82 -4.39
N THR B 100 -19.60 7.64 -4.36
CA THR B 100 -19.97 8.33 -3.15
C THR B 100 -20.52 7.33 -2.13
N LYS B 101 -20.78 7.81 -0.92
CA LYS B 101 -21.41 6.96 0.10
C LYS B 101 -22.79 6.50 -0.39
N ALA B 102 -23.54 7.42 -1.00
CA ALA B 102 -24.83 7.07 -1.57
C ALA B 102 -24.69 5.98 -2.60
N ASP B 103 -23.74 6.15 -3.54
CA ASP B 103 -23.51 5.13 -4.55
C ASP B 103 -23.32 3.77 -3.91
N LEU B 104 -22.56 3.72 -2.82
CA LEU B 104 -22.24 2.44 -2.20
C LEU B 104 -23.44 1.80 -1.49
N VAL B 105 -24.26 2.61 -0.79
CA VAL B 105 -25.38 2.01 -0.07
C VAL B 105 -26.53 1.66 -1.03
N ASN B 106 -26.74 2.46 -2.09
CA ASN B 106 -27.82 2.17 -3.03
C ASN B 106 -27.45 1.02 -3.95
N ASN B 107 -26.25 1.07 -4.49
CA ASN B 107 -25.92 0.17 -5.58
C ASN B 107 -25.45 -1.19 -5.07
N LEU B 108 -24.96 -1.28 -3.84
CA LEU B 108 -24.53 -2.58 -3.29
C LEU B 108 -25.40 -3.02 -2.12
N ALA B 112 -32.01 -4.39 -5.17
CA ALA B 112 -31.97 -5.26 -6.35
C ALA B 112 -32.00 -4.41 -7.63
N LYS B 113 -31.07 -4.70 -8.53
CA LYS B 113 -30.93 -3.98 -9.78
C LYS B 113 -31.74 -4.67 -10.88
N SER B 114 -32.15 -3.90 -11.87
CA SER B 114 -32.79 -4.49 -13.03
C SER B 114 -31.89 -5.58 -13.58
N GLY B 115 -32.45 -6.75 -13.78
CA GLY B 115 -31.70 -7.87 -14.32
C GLY B 115 -31.10 -8.79 -13.29
N THR B 116 -31.20 -8.46 -11.98
CA THR B 116 -30.83 -9.42 -10.95
C THR B 116 -31.69 -10.68 -11.06
N LYS B 117 -33.00 -10.51 -11.20
CA LYS B 117 -33.87 -11.67 -11.30
C LYS B 117 -33.74 -12.37 -12.65
N SER B 118 -33.68 -11.59 -13.73
CA SER B 118 -33.43 -12.17 -15.05
C SER B 118 -32.23 -13.11 -15.03
N PHE B 119 -31.08 -12.61 -14.55
CA PHE B 119 -29.88 -13.43 -14.46
C PHE B 119 -30.10 -14.68 -13.62
N MET B 120 -30.75 -14.54 -12.46
CA MET B 120 -30.96 -15.71 -11.60
C MET B 120 -31.85 -16.72 -12.28
N GLU B 121 -32.86 -16.25 -13.01
CA GLU B 121 -33.71 -17.18 -13.71
C GLU B 121 -32.96 -17.83 -14.85
N ALA B 122 -32.06 -17.08 -15.50
CA ALA B 122 -31.21 -17.64 -16.53
C ALA B 122 -30.30 -18.73 -15.98
N LEU B 123 -29.65 -18.47 -14.83
CA LEU B 123 -28.75 -19.46 -14.24
C LEU B 123 -29.49 -20.73 -13.88
N SER B 124 -30.71 -20.59 -13.35
CA SER B 124 -31.55 -21.77 -13.02
C SER B 124 -31.86 -22.61 -14.25
N ALA B 125 -31.98 -21.97 -15.42
CA ALA B 125 -32.37 -22.67 -16.62
C ALA B 125 -31.20 -23.34 -17.32
N GLY B 126 -29.98 -23.10 -16.85
CA GLY B 126 -28.80 -23.74 -17.39
C GLY B 126 -27.81 -22.78 -17.99
N ALA B 127 -28.06 -21.48 -17.91
CA ALA B 127 -27.16 -20.52 -18.54
C ALA B 127 -25.76 -20.56 -17.86
N ASP B 128 -24.73 -20.25 -18.65
CA ASP B 128 -23.38 -20.24 -18.09
C ASP B 128 -23.20 -19.03 -17.18
N VAL B 129 -22.72 -19.26 -15.95
CA VAL B 129 -22.57 -18.21 -14.93
C VAL B 129 -21.74 -17.04 -15.47
N SER B 130 -20.93 -17.30 -16.50
CA SER B 130 -20.15 -16.23 -17.14
C SER B 130 -21.02 -15.18 -17.84
N MET B 131 -22.34 -15.37 -17.95
CA MET B 131 -23.20 -14.36 -18.57
C MET B 131 -23.69 -13.29 -17.59
N ILE B 132 -23.21 -13.33 -16.34
CA ILE B 132 -23.65 -12.42 -15.27
C ILE B 132 -23.51 -10.95 -15.67
N GLY B 133 -22.46 -10.60 -16.40
CA GLY B 133 -22.28 -9.19 -16.72
C GLY B 133 -23.21 -8.67 -17.79
N GLN B 134 -23.81 -9.57 -18.59
CA GLN B 134 -24.77 -9.14 -19.61
C GLN B 134 -26.02 -8.57 -18.95
N PHE B 135 -26.28 -9.01 -17.71
CA PHE B 135 -27.37 -8.52 -16.89
C PHE B 135 -26.95 -7.39 -15.95
N GLY B 136 -25.72 -6.88 -16.08
CA GLY B 136 -25.24 -5.73 -15.36
C GLY B 136 -24.82 -5.99 -13.93
N VAL B 137 -24.74 -7.25 -13.50
CA VAL B 137 -24.42 -7.56 -12.11
C VAL B 137 -23.10 -8.34 -12.04
N GLY B 138 -22.18 -8.04 -12.94
CA GLY B 138 -20.93 -8.77 -12.94
C GLY B 138 -20.12 -8.61 -11.65
N PHE B 139 -20.33 -7.51 -10.92
CA PHE B 139 -19.62 -7.35 -9.65
C PHE B 139 -19.74 -8.57 -8.76
N TYR B 140 -20.89 -9.25 -8.77
CA TYR B 140 -21.12 -10.34 -7.84
C TYR B 140 -20.42 -11.64 -8.22
N SER B 141 -19.82 -11.71 -9.42
CA SER B 141 -18.97 -12.86 -9.73
C SER B 141 -17.76 -13.01 -8.82
N LEU B 142 -17.39 -11.96 -8.08
CA LEU B 142 -16.25 -12.06 -7.16
C LEU B 142 -16.48 -13.12 -6.11
N PHE B 143 -17.73 -13.47 -5.83
CA PHE B 143 -17.97 -14.51 -4.84
C PHE B 143 -17.72 -15.91 -5.37
N LEU B 144 -17.45 -16.05 -6.67
CA LEU B 144 -16.94 -17.31 -7.18
C LEU B 144 -15.65 -17.68 -6.47
N VAL B 145 -14.81 -16.69 -6.21
CA VAL B 145 -13.48 -16.91 -5.67
C VAL B 145 -13.29 -16.39 -4.23
N ALA B 146 -14.13 -15.47 -3.75
CA ALA B 146 -13.99 -14.85 -2.43
C ALA B 146 -15.22 -15.08 -1.56
N ASP B 147 -14.99 -15.31 -0.28
CA ASP B 147 -16.07 -15.46 0.69
C ASP B 147 -16.35 -14.19 1.47
N HIS B 148 -15.61 -13.12 1.18
CA HIS B 148 -15.62 -11.87 1.94
C HIS B 148 -14.98 -10.82 1.04
N VAL B 149 -15.47 -9.59 1.13
CA VAL B 149 -15.02 -8.51 0.24
C VAL B 149 -15.13 -7.16 0.96
N GLN B 150 -14.13 -6.29 0.75
CA GLN B 150 -14.21 -4.89 1.11
C GLN B 150 -14.07 -4.05 -0.14
N VAL B 151 -14.86 -2.99 -0.25
CA VAL B 151 -14.80 -2.09 -1.38
C VAL B 151 -14.47 -0.70 -0.84
N ILE B 152 -13.31 -0.18 -1.26
CA ILE B 152 -12.82 1.12 -0.84
C ILE B 152 -13.00 2.07 -2.02
N SER B 153 -13.66 3.20 -1.77
CA SER B 153 -13.89 4.11 -2.88
C SER B 153 -13.85 5.56 -2.43
N LYS B 154 -13.40 6.39 -3.35
CA LYS B 154 -13.20 7.82 -3.15
C LYS B 154 -13.71 8.47 -4.42
N HIS B 155 -14.79 9.22 -4.28
CA HIS B 155 -15.35 10.02 -5.34
C HIS B 155 -14.97 11.47 -5.07
N ASN B 156 -14.77 12.23 -6.14
CA ASN B 156 -14.33 13.61 -6.01
C ASN B 156 -15.19 14.47 -5.11
N ASP B 157 -16.45 14.10 -4.90
CA ASP B 157 -17.35 14.96 -4.15
C ASP B 157 -17.69 14.39 -2.79
N ASP B 158 -16.93 13.42 -2.32
CA ASP B 158 -17.20 12.82 -1.02
C ASP B 158 -15.86 12.36 -0.42
N GLU B 159 -15.91 11.92 0.83
CA GLU B 159 -14.77 11.33 1.51
C GLU B 159 -14.63 9.85 1.14
N GLN B 160 -13.53 9.26 1.56
CA GLN B 160 -13.31 7.86 1.27
C GLN B 160 -14.14 7.01 2.21
N TYR B 161 -14.82 6.01 1.66
CA TYR B 161 -15.64 5.09 2.43
C TYR B 161 -15.20 3.66 2.12
N VAL B 162 -15.52 2.76 3.02
CA VAL B 162 -15.20 1.35 2.89
CA VAL B 162 -15.20 1.35 2.89
C VAL B 162 -16.50 0.57 3.05
N TRP B 163 -16.91 -0.12 1.99
CA TRP B 163 -18.06 -1.01 1.99
C TRP B 163 -17.60 -2.44 2.32
N GLU B 164 -18.35 -3.14 3.16
CA GLU B 164 -17.90 -4.47 3.55
C GLU B 164 -19.08 -5.39 3.79
N SER B 165 -18.93 -6.65 3.36
CA SER B 165 -19.93 -7.70 3.47
C SER B 165 -19.26 -9.06 3.50
N ASN B 166 -19.74 -9.94 4.36
CA ASN B 166 -19.30 -11.33 4.31
C ASN B 166 -20.30 -12.14 3.47
N GLY B 169 -25.97 -11.36 4.94
CA GLY B 169 -27.28 -10.74 4.86
C GLY B 169 -27.23 -9.23 5.07
N LYS B 170 -26.20 -8.77 5.81
CA LYS B 170 -25.94 -7.37 6.03
C LYS B 170 -24.58 -6.98 5.48
N PHE B 171 -24.45 -5.70 5.21
CA PHE B 171 -23.18 -5.11 4.87
C PHE B 171 -23.07 -3.79 5.63
N THR B 172 -21.86 -3.27 5.69
CA THR B 172 -21.61 -2.01 6.38
C THR B 172 -20.98 -1.02 5.42
N VAL B 173 -21.22 0.26 5.67
CA VAL B 173 -20.50 1.34 5.01
C VAL B 173 -19.99 2.29 6.09
N THR B 174 -18.68 2.56 6.06
CA THR B 174 -17.99 3.25 7.13
C THR B 174 -17.03 4.26 6.51
N LEU B 175 -16.92 5.41 7.15
CA LEU B 175 -15.92 6.36 6.69
C LEU B 175 -14.51 5.75 6.82
N ASP B 176 -13.66 6.02 5.82
CA ASP B 176 -12.36 5.35 5.72
C ASP B 176 -11.32 6.15 6.49
N GLU B 177 -10.92 5.62 7.64
CA GLU B 177 -9.84 6.19 8.41
C GLU B 177 -8.77 5.12 8.71
N THR B 178 -8.70 4.07 7.87
CA THR B 178 -7.80 2.96 8.09
C THR B 178 -7.04 2.47 6.86
N ASN B 179 -7.33 2.94 5.65
CA ASN B 179 -6.74 2.40 4.44
C ASN B 179 -5.99 3.49 3.71
N GLU B 180 -5.10 3.03 2.84
CA GLU B 180 -4.37 3.95 1.98
C GLU B 180 -5.34 4.84 1.23
N ARG B 181 -5.01 6.12 1.14
CA ARG B 181 -5.81 7.03 0.35
C ARG B 181 -5.73 6.63 -1.13
N LEU B 182 -6.90 6.65 -1.81
CA LEU B 182 -6.97 6.34 -3.24
C LEU B 182 -6.79 7.58 -4.11
N GLY B 183 -7.07 8.77 -3.54
CA GLY B 183 -7.10 10.00 -4.30
C GLY B 183 -8.44 10.11 -5.00
N ARG B 184 -8.67 9.17 -5.91
CA ARG B 184 -9.95 8.96 -6.56
C ARG B 184 -9.97 7.54 -7.15
N GLY B 185 -11.14 6.91 -7.09
CA GLY B 185 -11.31 5.62 -7.72
C GLY B 185 -11.77 4.59 -6.73
N THR B 186 -11.49 3.31 -7.00
CA THR B 186 -12.05 2.21 -6.26
C THR B 186 -11.01 1.12 -6.11
N MET B 187 -11.03 0.45 -4.96
CA MET B 187 -10.26 -0.76 -4.74
C MET B 187 -11.17 -1.83 -4.16
N LEU B 188 -11.17 -2.99 -4.80
CA LEU B 188 -11.81 -4.19 -4.26
C LEU B 188 -10.73 -5.05 -3.59
N ARG B 189 -10.99 -5.49 -2.33
CA ARG B 189 -10.11 -6.43 -1.62
C ARG B 189 -10.87 -7.73 -1.43
N LEU B 190 -10.45 -8.74 -2.18
CA LEU B 190 -11.09 -10.04 -2.21
C LEU B 190 -10.35 -10.99 -1.28
N PHE B 191 -11.10 -11.58 -0.36
CA PHE B 191 -10.59 -12.56 0.58
C PHE B 191 -10.83 -13.93 -0.01
N LEU B 192 -9.78 -14.43 -0.67
CA LEU B 192 -9.87 -15.63 -1.49
C LEU B 192 -10.13 -16.88 -0.64
N LYS B 193 -11.06 -17.70 -1.14
CA LYS B 193 -11.25 -19.08 -0.71
C LYS B 193 -9.97 -19.91 -0.88
N GLU B 194 -9.79 -20.87 0.04
CA GLU B 194 -8.54 -21.64 0.10
C GLU B 194 -8.25 -22.38 -1.19
N ASP B 195 -9.28 -22.74 -1.95
CA ASP B 195 -9.07 -23.45 -3.21
C ASP B 195 -8.83 -22.49 -4.37
N GLN B 196 -8.83 -21.18 -4.11
CA GLN B 196 -8.79 -20.22 -5.19
C GLN B 196 -7.60 -19.30 -5.03
N LEU B 197 -6.57 -19.77 -4.32
CA LEU B 197 -5.38 -18.97 -4.07
C LEU B 197 -4.49 -18.88 -5.30
N GLU B 198 -4.77 -19.69 -6.32
CA GLU B 198 -4.08 -19.58 -7.60
C GLU B 198 -4.10 -18.15 -8.11
N TYR B 199 -5.07 -17.36 -7.70
CA TYR B 199 -5.20 -16.02 -8.27
C TYR B 199 -4.30 -15.00 -7.58
N LEU B 200 -3.45 -15.48 -6.69
CA LEU B 200 -2.33 -14.73 -6.15
C LEU B 200 -1.06 -14.86 -6.97
N GLU B 201 -1.06 -15.71 -8.02
CA GLU B 201 0.15 -16.04 -8.78
C GLU B 201 0.30 -15.09 -9.95
N GLU B 202 1.50 -14.52 -10.12
CA GLU B 202 1.76 -13.63 -11.26
C GLU B 202 1.48 -14.32 -12.60
N LYS B 203 1.83 -15.61 -12.72
CA LYS B 203 1.69 -16.31 -14.00
C LYS B 203 0.22 -16.47 -14.36
N ARG B 204 -0.56 -17.00 -13.41
CA ARG B 204 -2.01 -17.16 -13.57
C ARG B 204 -2.69 -15.84 -13.97
N ILE B 205 -2.46 -14.79 -13.18
CA ILE B 205 -3.05 -13.49 -13.45
C ILE B 205 -2.67 -12.99 -14.84
N LYS B 206 -1.41 -13.15 -15.27
CA LYS B 206 -1.05 -12.78 -16.65
C LYS B 206 -1.88 -13.57 -17.65
N GLU B 207 -1.95 -14.90 -17.47
CA GLU B 207 -2.75 -15.73 -18.38
C GLU B 207 -4.12 -15.12 -18.58
N VAL B 208 -4.81 -14.82 -17.48
CA VAL B 208 -6.21 -14.41 -17.53
C VAL B 208 -6.37 -13.02 -18.13
N VAL B 209 -5.51 -12.07 -17.74
CA VAL B 209 -5.64 -10.72 -18.26
C VAL B 209 -5.34 -10.68 -19.76
N LYS B 210 -4.29 -11.38 -20.20
CA LYS B 210 -3.97 -11.39 -21.64
C LYS B 210 -5.13 -12.01 -22.40
N LYS B 211 -5.71 -13.09 -21.86
CA LYS B 211 -6.85 -13.77 -22.45
C LYS B 211 -8.10 -12.88 -22.55
N HIS B 212 -8.67 -12.50 -21.40
CA HIS B 212 -10.04 -11.96 -21.34
C HIS B 212 -10.12 -10.45 -21.42
N SER B 213 -9.01 -9.74 -21.37
CA SER B 213 -9.00 -8.29 -21.21
C SER B 213 -8.05 -7.65 -22.22
N GLU B 214 -7.92 -8.30 -23.38
CA GLU B 214 -7.05 -7.79 -24.43
C GLU B 214 -7.45 -6.38 -24.85
N PHE B 215 -8.75 -6.10 -24.88
CA PHE B 215 -9.28 -4.88 -25.50
C PHE B 215 -9.74 -3.84 -24.50
N VAL B 216 -8.99 -3.72 -23.42
CA VAL B 216 -9.20 -2.66 -22.45
C VAL B 216 -8.30 -1.49 -22.79
N ALA B 217 -8.87 -0.30 -22.91
CA ALA B 217 -8.17 0.90 -23.35
C ALA B 217 -7.12 1.41 -22.34
N TYR B 218 -7.00 0.82 -21.15
CA TYR B 218 -6.20 1.37 -20.07
C TYR B 218 -5.06 0.43 -19.70
N PRO B 219 -3.95 0.95 -19.19
CA PRO B 219 -2.89 0.07 -18.71
C PRO B 219 -3.38 -0.77 -17.55
N ILE B 220 -3.12 -2.07 -17.63
CA ILE B 220 -3.39 -2.98 -16.52
C ILE B 220 -2.05 -3.30 -15.90
N GLN B 221 -1.83 -2.76 -14.71
CA GLN B 221 -0.58 -2.92 -14.00
C GLN B 221 -0.70 -4.10 -13.03
N LEU B 222 0.39 -4.82 -12.88
CA LEU B 222 0.45 -5.91 -11.93
C LEU B 222 1.61 -5.66 -10.96
N VAL B 223 1.31 -5.80 -9.68
CA VAL B 223 2.23 -5.47 -8.60
C VAL B 223 2.63 -6.78 -7.95
N VAL B 224 3.89 -7.11 -8.10
CA VAL B 224 4.38 -8.41 -7.68
C VAL B 224 5.56 -8.24 -6.72
N THR B 225 5.50 -8.97 -5.60
CA THR B 225 6.44 -8.88 -4.50
C THR B 225 7.39 -10.08 -4.56
N LYS B 226 8.69 -9.80 -4.63
CA LYS B 226 9.70 -10.87 -4.74
C LYS B 226 10.85 -10.56 -3.78
N GLU B 227 11.41 -11.62 -3.17
CA GLU B 227 12.55 -11.47 -2.27
C GLU B 227 13.84 -11.28 -3.06
N VAL B 228 14.68 -10.35 -2.61
CA VAL B 228 15.99 -10.11 -3.22
C VAL B 228 16.95 -11.23 -2.84
N GLU B 229 17.53 -11.90 -3.85
CA GLU B 229 18.49 -12.99 -3.61
C GLU B 229 19.78 -12.39 -3.06
N LYS B 230 20.08 -12.72 -1.81
CA LYS B 230 21.15 -12.02 -1.07
C LYS B 230 22.27 -12.96 -0.61
#